data_7RMX
#
_entry.id   7RMX
#
_cell.length_a   58.091
_cell.length_b   97.212
_cell.length_c   36.266
_cell.angle_alpha   90.000
_cell.angle_beta   90.000
_cell.angle_gamma   90.000
#
_symmetry.space_group_name_H-M   'P 21 21 2'
#
loop_
_entity.id
_entity.type
_entity.pdbx_description
1 polymer 'Tunable symmetric protein, D_3_212'
2 water water
#
_entity_poly.entity_id   1
_entity_poly.type   'polypeptide(L)'
_entity_poly.pdbx_seq_one_letter_code
;SGSGSTEEEEALLRWFQTLLAKFDELVKQLGDPRLLEEARRLQERLEEAKKRGDKRTIKQLAALLQMFVLIAQIFQLVEE
LGDPKLLEQAKRLLERLKEAVERGDEETIKELLDLAHMTYLIAQIFQLVEQLGDPRLLELAKELLKRLKEAQERGDRRTI
ERLLRLVQMTYLIAQIFQLVRQLGDPRLLETAKTLLTLLKLAFEEGDELLIKSLLTLVAETYRQAAAEQ
;
_entity_poly.pdbx_strand_id   A
#
# COMPACT_ATOMS: atom_id res chain seq x y z
N SER A 1 -25.67 4.97 26.74
CA SER A 1 -26.44 6.17 27.19
C SER A 1 -25.49 7.31 27.54
N GLY A 2 -25.23 7.51 28.83
CA GLY A 2 -24.30 8.54 29.24
C GLY A 2 -24.73 9.90 28.73
N SER A 3 -23.84 10.54 27.95
CA SER A 3 -24.08 11.87 27.40
CA SER A 3 -24.08 11.88 27.40
C SER A 3 -24.36 11.84 25.90
N GLY A 4 -24.84 10.72 25.37
CA GLY A 4 -25.07 10.60 23.96
C GLY A 4 -23.80 10.33 23.20
N SER A 5 -23.83 10.65 21.91
CA SER A 5 -22.69 10.41 21.03
C SER A 5 -21.47 11.14 21.56
N THR A 6 -20.38 10.42 21.71
CA THR A 6 -19.16 11.00 22.26
C THR A 6 -18.36 11.70 21.16
N GLU A 7 -17.50 12.62 21.59
CA GLU A 7 -16.58 13.26 20.64
C GLU A 7 -15.75 12.22 19.90
N GLU A 8 -15.34 11.14 20.56
CA GLU A 8 -14.57 10.12 19.87
C GLU A 8 -15.42 9.40 18.81
N GLU A 9 -16.67 9.09 19.15
CA GLU A 9 -17.55 8.48 18.16
C GLU A 9 -17.75 9.42 16.98
N GLU A 10 -17.93 10.71 17.26
CA GLU A 10 -18.18 11.64 16.17
C GLU A 10 -16.95 11.76 15.29
N ALA A 11 -15.76 11.75 15.91
CA ALA A 11 -14.53 11.82 15.11
C ALA A 11 -14.35 10.57 14.25
N LEU A 12 -14.65 9.39 14.79
CA LEU A 12 -14.58 8.19 13.99
C LEU A 12 -15.56 8.27 12.83
N LEU A 13 -16.76 8.80 13.07
CA LEU A 13 -17.72 8.89 11.99
C LEU A 13 -17.29 9.89 10.93
N ARG A 14 -16.66 10.99 11.33
CA ARG A 14 -16.17 11.95 10.36
C ARG A 14 -15.05 11.35 9.52
N TRP A 15 -14.18 10.55 10.15
CA TRP A 15 -13.16 9.83 9.41
C TRP A 15 -13.81 8.91 8.39
N PHE A 16 -14.82 8.17 8.81
CA PHE A 16 -15.47 7.22 7.90
C PHE A 16 -16.17 7.95 6.77
N GLN A 17 -16.87 9.04 7.08
CA GLN A 17 -17.54 9.80 6.02
C GLN A 17 -16.56 10.35 4.98
N THR A 18 -15.39 10.80 5.43
CA THR A 18 -14.41 11.31 4.48
C THR A 18 -13.89 10.20 3.61
N LEU A 19 -13.56 9.05 4.22
CA LEU A 19 -13.13 7.90 3.45
C LEU A 19 -14.21 7.45 2.47
N LEU A 20 -15.47 7.46 2.91
CA LEU A 20 -16.53 6.92 2.06
C LEU A 20 -16.69 7.75 0.82
N ALA A 21 -16.57 9.07 0.96
CA ALA A 21 -16.65 9.93 -0.22
C ALA A 21 -15.52 9.61 -1.18
N LYS A 22 -14.30 9.38 -0.64
CA LYS A 22 -13.21 9.03 -1.53
C LYS A 22 -13.47 7.71 -2.21
N PHE A 23 -13.93 6.73 -1.45
CA PHE A 23 -14.22 5.43 -2.02
C PHE A 23 -15.30 5.50 -3.07
N ASP A 24 -16.34 6.25 -2.80
CA ASP A 24 -17.43 6.38 -3.77
C ASP A 24 -16.91 6.95 -5.08
N GLU A 25 -16.11 8.00 -4.99
CA GLU A 25 -15.62 8.62 -6.22
C GLU A 25 -14.74 7.64 -6.99
N LEU A 26 -13.93 6.86 -6.28
CA LEU A 26 -13.08 5.89 -6.97
C LEU A 26 -13.91 4.78 -7.61
N VAL A 27 -14.91 4.30 -6.89
CA VAL A 27 -15.74 3.21 -7.39
C VAL A 27 -16.52 3.66 -8.61
N LYS A 28 -17.01 4.91 -8.60
CA LYS A 28 -17.73 5.43 -9.76
C LYS A 28 -16.83 5.53 -10.97
N GLN A 29 -15.55 5.86 -10.74
CA GLN A 29 -14.61 5.95 -11.86
C GLN A 29 -14.24 4.57 -12.37
N LEU A 30 -14.08 3.61 -11.45
CA LEU A 30 -13.66 2.26 -11.82
C LEU A 30 -14.77 1.45 -12.42
N GLY A 31 -16.00 1.59 -11.94
CA GLY A 31 -17.09 0.78 -12.42
C GLY A 31 -16.89 -0.69 -12.15
N ASP A 32 -16.16 -1.04 -11.12
CA ASP A 32 -15.83 -2.43 -10.83
C ASP A 32 -16.99 -3.08 -10.08
N PRO A 33 -17.54 -4.18 -10.59
CA PRO A 33 -18.71 -4.78 -9.89
CA PRO A 33 -18.71 -4.78 -9.89
C PRO A 33 -18.43 -5.12 -8.43
N ARG A 34 -17.29 -5.74 -8.15
CA ARG A 34 -17.05 -6.14 -6.77
C ARG A 34 -16.91 -4.95 -5.84
N LEU A 35 -16.24 -3.88 -6.26
CA LEU A 35 -16.14 -2.73 -5.39
C LEU A 35 -17.49 -2.04 -5.25
N LEU A 36 -18.30 -2.07 -6.32
CA LEU A 36 -19.66 -1.53 -6.20
C LEU A 36 -20.43 -2.25 -5.10
N GLU A 37 -20.38 -3.58 -5.09
CA GLU A 37 -21.08 -4.35 -4.05
C GLU A 37 -20.51 -4.09 -2.65
N GLU A 38 -19.17 -3.94 -2.53
CA GLU A 38 -18.62 -3.67 -1.22
C GLU A 38 -18.99 -2.28 -0.73
N ALA A 39 -19.19 -1.33 -1.66
CA ALA A 39 -19.66 -0.03 -1.25
C ALA A 39 -20.99 -0.15 -0.51
N ARG A 40 -21.91 -0.91 -1.10
CA ARG A 40 -23.23 -1.08 -0.47
C ARG A 40 -23.11 -1.71 0.90
N ARG A 41 -22.24 -2.72 1.02
CA ARG A 41 -22.05 -3.39 2.31
C ARG A 41 -21.46 -2.45 3.35
N LEU A 42 -20.41 -1.72 3.00
CA LEU A 42 -19.81 -0.78 3.92
C LEU A 42 -20.81 0.29 4.33
N GLN A 43 -21.57 0.82 3.35
CA GLN A 43 -22.61 1.79 3.65
C GLN A 43 -23.58 1.20 4.66
N GLU A 44 -24.04 -0.04 4.43
CA GLU A 44 -24.99 -0.70 5.34
C GLU A 44 -24.39 -0.93 6.72
N ARG A 45 -23.18 -1.46 6.76
CA ARG A 45 -22.58 -1.80 8.04
C ARG A 45 -22.43 -0.57 8.92
N LEU A 46 -21.98 0.56 8.35
CA LEU A 46 -21.82 1.76 9.16
C LEU A 46 -23.15 2.25 9.71
N GLU A 47 -24.13 2.44 8.82
CA GLU A 47 -25.45 2.88 9.26
C GLU A 47 -25.93 2.03 10.43
N GLU A 48 -25.72 0.70 10.36
CA GLU A 48 -26.12 -0.17 11.46
C GLU A 48 -25.36 0.16 12.73
N ALA A 49 -24.03 0.28 12.62
CA ALA A 49 -23.22 0.59 13.80
C ALA A 49 -23.52 1.99 14.32
N LYS A 50 -23.65 2.97 13.41
CA LYS A 50 -23.98 4.33 13.83
C LYS A 50 -25.35 4.38 14.50
N LYS A 51 -26.31 3.59 14.01
CA LYS A 51 -27.59 3.46 14.71
C LYS A 51 -27.39 2.85 16.10
N ARG A 52 -26.55 1.84 16.20
CA ARG A 52 -26.41 1.04 17.41
C ARG A 52 -25.40 1.62 18.40
N GLY A 53 -24.75 2.73 18.06
CA GLY A 53 -23.73 3.28 18.94
C GLY A 53 -22.66 2.29 19.32
N ASP A 54 -22.27 1.42 18.38
CA ASP A 54 -21.26 0.40 18.63
C ASP A 54 -19.88 0.95 18.24
N LYS A 55 -19.18 1.50 19.22
CA LYS A 55 -17.90 2.16 18.96
C LYS A 55 -16.88 1.18 18.39
N ARG A 56 -16.81 -0.03 18.95
CA ARG A 56 -15.85 -1.01 18.45
C ARG A 56 -16.04 -1.25 16.96
N THR A 57 -17.28 -1.46 16.52
CA THR A 57 -17.51 -1.75 15.11
C THR A 57 -17.22 -0.55 14.25
N ILE A 58 -17.62 0.64 14.71
CA ILE A 58 -17.31 1.86 13.97
C ILE A 58 -15.80 1.98 13.77
N LYS A 59 -15.03 1.71 14.82
CA LYS A 59 -13.57 1.72 14.71
C LYS A 59 -13.10 0.74 13.65
N GLN A 60 -13.64 -0.48 13.68
CA GLN A 60 -13.25 -1.49 12.69
C GLN A 60 -13.67 -1.07 11.29
N LEU A 61 -14.86 -0.49 11.17
CA LEU A 61 -15.31 -0.11 9.84
C LEU A 61 -14.46 1.02 9.27
N ALA A 62 -14.15 2.03 10.10
CA ALA A 62 -13.26 3.10 9.63
C ALA A 62 -11.96 2.52 9.09
N ALA A 63 -11.37 1.59 9.84
CA ALA A 63 -10.13 0.95 9.39
C ALA A 63 -10.36 0.13 8.10
N LEU A 64 -11.41 -0.67 8.09
CA LEU A 64 -11.73 -1.47 6.91
C LEU A 64 -12.01 -0.58 5.70
N LEU A 65 -12.76 0.50 5.89
CA LEU A 65 -13.01 1.39 4.78
C LEU A 65 -11.72 2.01 4.26
N GLN A 66 -10.78 2.35 5.15
CA GLN A 66 -9.54 2.94 4.65
C GLN A 66 -8.80 1.92 3.80
N MET A 67 -8.92 0.63 4.13
CA MET A 67 -8.28 -0.39 3.34
C MET A 67 -8.98 -0.55 2.01
N PHE A 68 -10.33 -0.47 1.99
CA PHE A 68 -11.03 -0.51 0.69
C PHE A 68 -10.69 0.70 -0.16
N VAL A 69 -10.45 1.86 0.43
CA VAL A 69 -10.02 2.99 -0.38
C VAL A 69 -8.70 2.66 -1.03
N LEU A 70 -7.77 2.12 -0.24
CA LEU A 70 -6.46 1.78 -0.80
C LEU A 70 -6.62 0.73 -1.88
N ILE A 71 -7.44 -0.29 -1.64
CA ILE A 71 -7.68 -1.27 -2.68
C ILE A 71 -8.23 -0.60 -3.94
N ALA A 72 -9.20 0.32 -3.81
CA ALA A 72 -9.70 1.00 -5.01
C ALA A 72 -8.60 1.80 -5.70
N GLN A 73 -7.74 2.46 -4.91
CA GLN A 73 -6.59 3.18 -5.46
C GLN A 73 -5.66 2.23 -6.19
N ILE A 74 -5.49 1.04 -5.63
CA ILE A 74 -4.69 0.01 -6.31
C ILE A 74 -5.32 -0.38 -7.61
N PHE A 75 -6.63 -0.66 -7.62
CA PHE A 75 -7.26 -1.05 -8.87
CA PHE A 75 -7.30 -1.04 -8.87
C PHE A 75 -7.10 0.05 -9.92
N GLN A 76 -7.24 1.32 -9.52
CA GLN A 76 -7.08 2.39 -10.48
C GLN A 76 -5.68 2.40 -11.08
N LEU A 77 -4.68 2.29 -10.22
CA LEU A 77 -3.31 2.36 -10.70
C LEU A 77 -2.94 1.13 -11.51
N VAL A 78 -3.35 -0.05 -11.05
CA VAL A 78 -2.93 -1.26 -11.75
CA VAL A 78 -2.94 -1.26 -11.74
C VAL A 78 -3.67 -1.40 -13.07
N GLU A 79 -4.92 -0.88 -13.16
CA GLU A 79 -5.61 -0.90 -14.43
C GLU A 79 -4.96 0.06 -15.41
N GLU A 80 -4.45 1.18 -14.92
CA GLU A 80 -3.67 2.06 -15.77
C GLU A 80 -2.41 1.38 -16.26
N LEU A 81 -1.69 0.73 -15.35
CA LEU A 81 -0.46 0.03 -15.78
C LEU A 81 -0.78 -1.09 -16.74
N GLY A 82 -1.86 -1.80 -16.47
CA GLY A 82 -2.29 -2.90 -17.31
C GLY A 82 -1.58 -4.19 -17.02
N ASP A 83 -0.75 -4.25 -16.01
CA ASP A 83 0.05 -5.44 -15.70
C ASP A 83 -0.84 -6.55 -15.18
N PRO A 84 -0.91 -7.69 -15.86
CA PRO A 84 -1.89 -8.70 -15.42
C PRO A 84 -1.50 -9.38 -14.13
N LYS A 85 -0.22 -9.48 -13.82
CA LYS A 85 0.17 -10.06 -12.56
C LYS A 85 -0.23 -9.15 -11.39
N LEU A 86 -0.08 -7.84 -11.56
CA LEU A 86 -0.52 -6.92 -10.51
C LEU A 86 -2.02 -6.89 -10.41
N LEU A 87 -2.72 -6.99 -11.55
CA LEU A 87 -4.16 -7.07 -11.50
C LEU A 87 -4.62 -8.26 -10.69
N GLU A 88 -4.03 -9.43 -10.96
CA GLU A 88 -4.33 -10.63 -10.21
C GLU A 88 -4.09 -10.41 -8.72
N GLN A 89 -2.97 -9.76 -8.36
CA GLN A 89 -2.72 -9.52 -6.95
C GLN A 89 -3.77 -8.59 -6.36
N ALA A 90 -4.16 -7.54 -7.09
CA ALA A 90 -5.18 -6.63 -6.58
C ALA A 90 -6.49 -7.38 -6.33
N LYS A 91 -6.88 -8.23 -7.27
CA LYS A 91 -8.07 -9.06 -7.08
C LYS A 91 -7.94 -9.98 -5.86
N ARG A 92 -6.76 -10.55 -5.67
CA ARG A 92 -6.54 -11.40 -4.49
C ARG A 92 -6.67 -10.62 -3.20
N LEU A 93 -6.13 -9.39 -3.16
CA LEU A 93 -6.27 -8.57 -1.95
C LEU A 93 -7.73 -8.43 -1.60
N LEU A 94 -8.56 -8.09 -2.58
CA LEU A 94 -9.98 -7.88 -2.33
C LEU A 94 -10.65 -9.16 -1.86
N GLU A 95 -10.39 -10.28 -2.55
CA GLU A 95 -11.02 -11.54 -2.20
C GLU A 95 -10.62 -11.98 -0.79
N ARG A 96 -9.32 -11.90 -0.48
CA ARG A 96 -8.88 -12.27 0.86
C ARG A 96 -9.44 -11.35 1.93
N LEU A 97 -9.53 -10.06 1.64
CA LEU A 97 -10.10 -9.11 2.61
C LEU A 97 -11.56 -9.46 2.92
N LYS A 98 -12.36 -9.65 1.86
CA LYS A 98 -13.75 -10.03 2.06
C LYS A 98 -13.84 -11.29 2.91
N GLU A 99 -12.99 -12.27 2.61
CA GLU A 99 -12.98 -13.52 3.37
C GLU A 99 -12.60 -13.25 4.84
N ALA A 100 -11.53 -12.49 5.05
CA ALA A 100 -11.08 -12.19 6.40
C ALA A 100 -12.16 -11.47 7.20
N VAL A 101 -12.85 -10.51 6.57
CA VAL A 101 -13.92 -9.77 7.24
C VAL A 101 -15.04 -10.71 7.61
N GLU A 102 -15.43 -11.58 6.68
CA GLU A 102 -16.52 -12.52 6.97
C GLU A 102 -16.18 -13.39 8.18
N ARG A 103 -14.93 -13.81 8.27
CA ARG A 103 -14.51 -14.72 9.33
C ARG A 103 -14.00 -14.00 10.57
N GLY A 104 -13.93 -12.67 10.56
CA GLY A 104 -13.44 -11.94 11.71
C GLY A 104 -11.98 -12.17 11.98
N ASP A 105 -11.22 -12.46 10.92
CA ASP A 105 -9.79 -12.79 11.04
C ASP A 105 -9.00 -11.48 11.04
N GLU A 106 -8.88 -10.90 12.23
CA GLU A 106 -8.22 -9.60 12.31
C GLU A 106 -6.74 -9.70 11.98
N GLU A 107 -6.09 -10.81 12.30
CA GLU A 107 -4.69 -10.95 11.98
C GLU A 107 -4.47 -10.86 10.47
N THR A 108 -5.34 -11.50 9.70
CA THR A 108 -5.20 -11.45 8.25
C THR A 108 -5.49 -10.07 7.73
N ILE A 109 -6.46 -9.37 8.35
CA ILE A 109 -6.73 -8.00 7.93
C ILE A 109 -5.48 -7.13 8.08
N LYS A 110 -4.81 -7.22 9.23
CA LYS A 110 -3.58 -6.46 9.42
C LYS A 110 -2.53 -6.79 8.36
N GLU A 111 -2.34 -8.07 8.09
CA GLU A 111 -1.41 -8.50 7.05
C GLU A 111 -1.81 -7.96 5.69
N LEU A 112 -3.11 -7.95 5.41
CA LEU A 112 -3.57 -7.44 4.13
C LEU A 112 -3.32 -5.94 4.03
N LEU A 113 -3.39 -5.21 5.15
CA LEU A 113 -3.08 -3.80 5.08
C LEU A 113 -1.64 -3.57 4.57
N ASP A 114 -0.69 -4.33 5.11
CA ASP A 114 0.67 -4.21 4.64
C ASP A 114 0.78 -4.64 3.19
N LEU A 115 0.14 -5.76 2.86
CA LEU A 115 0.18 -6.27 1.49
C LEU A 115 -0.39 -5.25 0.52
N ALA A 116 -1.46 -4.55 0.91
CA ALA A 116 -2.03 -3.54 0.03
C ALA A 116 -1.11 -2.36 -0.16
N HIS A 117 -0.51 -1.87 0.91
CA HIS A 117 0.45 -0.78 0.74
C HIS A 117 1.59 -1.18 -0.14
N MET A 118 2.03 -2.42 0.02
CA MET A 118 3.11 -2.96 -0.80
CA MET A 118 3.10 -2.96 -0.79
C MET A 118 2.71 -3.03 -2.25
N THR A 119 1.48 -3.50 -2.53
CA THR A 119 1.00 -3.63 -3.91
C THR A 119 0.96 -2.27 -4.58
N TYR A 120 0.44 -1.25 -3.85
CA TYR A 120 0.40 0.09 -4.41
C TYR A 120 1.80 0.61 -4.71
N LEU A 121 2.73 0.44 -3.77
CA LEU A 121 4.11 0.86 -4.00
C LEU A 121 4.74 0.14 -5.17
N ILE A 122 4.49 -1.16 -5.30
CA ILE A 122 5.10 -1.91 -6.41
C ILE A 122 4.58 -1.40 -7.72
N ALA A 123 3.29 -1.10 -7.76
CA ALA A 123 2.74 -0.48 -8.95
C ALA A 123 3.41 0.86 -9.25
N GLN A 124 3.63 1.66 -8.21
CA GLN A 124 4.34 2.91 -8.42
C GLN A 124 5.78 2.70 -8.85
N ILE A 125 6.42 1.66 -8.34
CA ILE A 125 7.78 1.37 -8.74
C ILE A 125 7.81 1.09 -10.24
N PHE A 126 6.93 0.22 -10.69
CA PHE A 126 6.87 -0.08 -12.12
C PHE A 126 6.62 1.17 -12.94
N GLN A 127 5.72 2.05 -12.49
CA GLN A 127 5.56 3.32 -13.19
C GLN A 127 6.88 4.09 -13.31
N LEU A 128 7.61 4.21 -12.19
CA LEU A 128 8.87 4.93 -12.22
C LEU A 128 9.90 4.23 -13.09
N VAL A 129 9.98 2.91 -13.00
CA VAL A 129 10.90 2.14 -13.83
C VAL A 129 10.64 2.43 -15.30
N GLU A 130 9.38 2.44 -15.70
CA GLU A 130 9.02 2.78 -17.08
C GLU A 130 9.51 4.16 -17.46
N GLN A 131 9.23 5.15 -16.62
CA GLN A 131 9.71 6.51 -16.88
C GLN A 131 11.20 6.55 -17.11
N LEU A 132 11.96 5.92 -16.20
CA LEU A 132 13.40 5.97 -16.27
C LEU A 132 13.99 5.09 -17.37
N GLY A 133 13.20 4.16 -17.91
CA GLY A 133 13.73 3.18 -18.85
C GLY A 133 14.87 2.39 -18.25
N ASP A 134 14.77 2.04 -16.97
CA ASP A 134 15.90 1.51 -16.23
C ASP A 134 15.75 0.01 -16.05
N PRO A 135 16.47 -0.81 -16.82
CA PRO A 135 16.28 -2.25 -16.67
C PRO A 135 16.81 -2.81 -15.37
N ARG A 136 17.75 -2.13 -14.72
CA ARG A 136 18.27 -2.62 -13.45
C ARG A 136 17.22 -2.52 -12.37
N LEU A 137 16.56 -1.37 -12.30
CA LEU A 137 15.45 -1.24 -11.38
C LEU A 137 14.30 -2.16 -11.76
N LEU A 138 14.11 -2.41 -13.08
CA LEU A 138 13.05 -3.32 -13.49
C LEU A 138 13.27 -4.69 -12.84
N GLU A 139 14.50 -5.16 -12.80
CA GLU A 139 14.75 -6.48 -12.22
C GLU A 139 14.28 -6.54 -10.78
N LEU A 140 14.52 -5.48 -10.05
CA LEU A 140 14.07 -5.46 -8.65
C LEU A 140 12.55 -5.42 -8.55
N ALA A 141 11.91 -4.62 -9.41
CA ALA A 141 10.46 -4.56 -9.44
C ALA A 141 9.87 -5.93 -9.72
N LYS A 142 10.46 -6.65 -10.67
CA LYS A 142 9.97 -7.99 -11.01
C LYS A 142 10.14 -8.96 -9.85
N GLU A 143 11.29 -8.87 -9.17
CA GLU A 143 11.52 -9.71 -8.01
C GLU A 143 10.55 -9.38 -6.90
N LEU A 144 10.27 -8.11 -6.67
CA LEU A 144 9.29 -7.73 -5.66
C LEU A 144 7.90 -8.29 -6.00
N LEU A 145 7.49 -8.21 -7.27
CA LEU A 145 6.19 -8.78 -7.69
C LEU A 145 6.14 -10.27 -7.40
N LYS A 146 7.25 -10.97 -7.63
CA LYS A 146 7.31 -12.39 -7.32
C LYS A 146 7.16 -12.60 -5.82
N ARG A 147 7.90 -11.80 -5.04
CA ARG A 147 7.81 -11.94 -3.58
C ARG A 147 6.41 -11.57 -3.07
N LEU A 148 5.76 -10.59 -3.68
CA LEU A 148 4.41 -10.19 -3.30
C LEU A 148 3.45 -11.35 -3.49
N LYS A 149 3.53 -12.01 -4.63
CA LYS A 149 2.65 -13.15 -4.88
C LYS A 149 2.86 -14.24 -3.85
N GLU A 150 4.13 -14.50 -3.51
CA GLU A 150 4.42 -15.52 -2.51
C GLU A 150 3.92 -15.10 -1.14
N ALA A 151 4.07 -13.82 -0.80
CA ALA A 151 3.67 -13.37 0.51
C ALA A 151 2.16 -13.42 0.65
N GLN A 152 1.46 -13.06 -0.42
CA GLN A 152 0.00 -13.08 -0.39
C GLN A 152 -0.52 -14.47 -0.08
N GLU A 153 0.15 -15.50 -0.59
CA GLU A 153 -0.35 -16.85 -0.39
C GLU A 153 0.23 -17.52 0.85
N ARG A 154 1.45 -17.18 1.23
CA ARG A 154 2.18 -17.94 2.23
C ARG A 154 2.87 -17.09 3.30
N GLY A 155 2.78 -15.79 3.22
CA GLY A 155 3.54 -14.93 4.13
C GLY A 155 2.86 -14.80 5.48
N ASP A 156 3.68 -14.57 6.49
CA ASP A 156 3.22 -14.22 7.83
C ASP A 156 3.60 -12.77 8.10
N ARG A 157 3.16 -12.27 9.26
CA ARG A 157 3.35 -10.84 9.53
C ARG A 157 4.81 -10.45 9.36
N ARG A 158 5.73 -11.29 9.83
CA ARG A 158 7.13 -10.91 9.79
C ARG A 158 7.68 -10.89 8.37
N THR A 159 7.37 -11.92 7.57
CA THR A 159 7.87 -11.90 6.19
C THR A 159 7.22 -10.78 5.41
N ILE A 160 5.94 -10.48 5.70
CA ILE A 160 5.26 -9.37 5.03
C ILE A 160 5.85 -8.04 5.45
N GLU A 161 6.12 -7.86 6.76
CA GLU A 161 6.73 -6.61 7.21
C GLU A 161 8.11 -6.40 6.60
N ARG A 162 8.90 -7.47 6.52
CA ARG A 162 10.21 -7.37 5.87
C ARG A 162 10.08 -6.96 4.41
N LEU A 163 9.12 -7.56 3.68
CA LEU A 163 8.97 -7.24 2.27
C LEU A 163 8.51 -5.81 2.10
N LEU A 164 7.61 -5.35 2.98
CA LEU A 164 7.16 -3.97 2.87
C LEU A 164 8.33 -3.00 2.96
N ARG A 165 9.27 -3.28 3.84
CA ARG A 165 10.45 -2.42 3.95
C ARG A 165 11.31 -2.50 2.70
N LEU A 166 11.49 -3.70 2.12
CA LEU A 166 12.24 -3.78 0.88
C LEU A 166 11.54 -2.99 -0.22
N VAL A 167 10.23 -3.08 -0.29
CA VAL A 167 9.49 -2.34 -1.30
C VAL A 167 9.62 -0.84 -1.09
N GLN A 168 9.45 -0.40 0.15
CA GLN A 168 9.61 1.01 0.46
C GLN A 168 10.99 1.50 0.05
N MET A 169 12.04 0.74 0.37
CA MET A 169 13.39 1.11 -0.01
CA MET A 169 13.39 1.13 -0.02
C MET A 169 13.55 1.19 -1.52
N THR A 170 12.95 0.24 -2.24
CA THR A 170 13.09 0.22 -3.69
C THR A 170 12.39 1.42 -4.30
N TYR A 171 11.20 1.77 -3.79
CA TYR A 171 10.50 2.95 -4.27
C TYR A 171 11.33 4.21 -4.03
N LEU A 172 11.90 4.34 -2.83
CA LEU A 172 12.72 5.53 -2.57
C LEU A 172 13.94 5.59 -3.47
N ILE A 173 14.58 4.45 -3.70
CA ILE A 173 15.78 4.48 -4.54
C ILE A 173 15.39 4.84 -5.96
N ALA A 174 14.26 4.31 -6.45
CA ALA A 174 13.76 4.70 -7.77
C ALA A 174 13.54 6.21 -7.80
N GLN A 175 13.02 6.77 -6.72
CA GLN A 175 12.84 8.23 -6.64
C GLN A 175 14.17 8.95 -6.65
N ILE A 176 15.19 8.38 -6.00
CA ILE A 176 16.51 9.01 -6.04
C ILE A 176 17.06 8.99 -7.46
N PHE A 177 16.88 7.88 -8.17
CA PHE A 177 17.41 7.85 -9.54
C PHE A 177 16.67 8.83 -10.43
N GLN A 178 15.40 9.05 -10.15
CA GLN A 178 14.68 10.07 -10.90
C GLN A 178 15.27 11.45 -10.61
N LEU A 179 15.58 11.73 -9.35
CA LEU A 179 16.21 13.01 -9.03
C LEU A 179 17.54 13.16 -9.75
N VAL A 180 18.32 12.08 -9.83
CA VAL A 180 19.57 12.14 -10.58
C VAL A 180 19.31 12.62 -12.00
N ARG A 181 18.24 12.12 -12.62
CA ARG A 181 17.95 12.47 -14.01
C ARG A 181 17.52 13.93 -14.13
N GLN A 182 16.75 14.41 -13.16
CA GLN A 182 16.26 15.79 -13.23
C GLN A 182 17.34 16.80 -12.89
N LEU A 183 18.27 16.44 -11.99
CA LEU A 183 19.28 17.37 -11.50
C LEU A 183 20.63 17.21 -12.19
N GLY A 184 20.83 16.12 -12.92
CA GLY A 184 22.10 15.93 -13.59
C GLY A 184 23.28 16.01 -12.66
N ASP A 185 23.17 15.40 -11.47
CA ASP A 185 24.22 15.46 -10.47
C ASP A 185 25.06 14.18 -10.53
N PRO A 186 26.32 14.24 -11.00
CA PRO A 186 27.12 13.01 -11.03
C PRO A 186 27.43 12.45 -9.65
N ARG A 187 27.52 13.32 -8.64
CA ARG A 187 27.79 12.85 -7.28
C ARG A 187 26.59 12.09 -6.72
N LEU A 188 25.38 12.62 -6.94
CA LEU A 188 24.19 11.91 -6.51
C LEU A 188 24.03 10.58 -7.25
N LEU A 189 24.45 10.51 -8.51
CA LEU A 189 24.39 9.24 -9.21
C LEU A 189 25.27 8.20 -8.53
N GLU A 190 26.47 8.58 -8.11
CA GLU A 190 27.31 7.62 -7.40
C GLU A 190 26.67 7.20 -6.08
N THR A 191 26.06 8.16 -5.38
CA THR A 191 25.32 7.83 -4.16
C THR A 191 24.22 6.83 -4.47
N ALA A 192 23.40 7.14 -5.49
CA ALA A 192 22.30 6.25 -5.85
C ALA A 192 22.80 4.85 -6.20
N LYS A 193 23.92 4.78 -6.92
CA LYS A 193 24.46 3.47 -7.29
C LYS A 193 24.91 2.71 -6.06
N THR A 194 25.54 3.41 -5.10
CA THR A 194 25.93 2.78 -3.85
C THR A 194 24.71 2.25 -3.11
N LEU A 195 23.66 3.06 -3.05
CA LEU A 195 22.42 2.61 -2.41
C LEU A 195 21.80 1.41 -3.14
N LEU A 196 21.88 1.39 -4.48
CA LEU A 196 21.37 0.25 -5.24
C LEU A 196 22.15 -1.01 -4.94
N THR A 197 23.49 -0.91 -4.82
CA THR A 197 24.28 -2.02 -4.35
C THR A 197 23.80 -2.51 -3.00
N LEU A 198 23.60 -1.59 -2.04
CA LEU A 198 23.15 -2.01 -0.71
C LEU A 198 21.75 -2.60 -0.75
N LEU A 199 20.90 -2.05 -1.59
CA LEU A 199 19.57 -2.62 -1.77
C LEU A 199 19.64 -4.04 -2.30
N LYS A 200 20.47 -4.29 -3.31
CA LYS A 200 20.62 -5.68 -3.77
C LYS A 200 21.10 -6.57 -2.65
N LEU A 201 22.01 -6.04 -1.82
CA LEU A 201 22.47 -6.82 -0.68
C LEU A 201 21.30 -7.20 0.21
N ALA A 202 20.39 -6.24 0.44
CA ALA A 202 19.20 -6.48 1.26
C ALA A 202 18.28 -7.50 0.62
N PHE A 203 18.17 -7.47 -0.71
CA PHE A 203 17.37 -8.51 -1.37
C PHE A 203 17.94 -9.91 -1.16
N GLU A 204 19.26 -10.04 -1.04
CA GLU A 204 19.95 -11.32 -1.00
C GLU A 204 20.05 -11.88 0.40
N GLU A 205 20.25 -11.01 1.40
CA GLU A 205 20.45 -11.37 2.81
C GLU A 205 19.54 -10.45 3.63
N GLY A 206 18.29 -10.85 3.81
CA GLY A 206 17.29 -9.97 4.38
C GLY A 206 17.32 -9.81 5.88
N ASP A 207 18.52 -9.58 6.42
CA ASP A 207 18.69 -9.35 7.86
C ASP A 207 17.88 -8.13 8.30
N GLU A 208 17.13 -8.25 9.40
CA GLU A 208 16.21 -7.19 9.79
C GLU A 208 16.96 -5.93 10.22
N LEU A 209 18.05 -6.09 10.93
CA LEU A 209 18.86 -4.93 11.33
C LEU A 209 19.40 -4.22 10.11
N LEU A 210 19.88 -4.97 9.12
CA LEU A 210 20.35 -4.36 7.90
C LEU A 210 19.24 -3.63 7.18
N ILE A 211 18.09 -4.29 7.00
CA ILE A 211 16.99 -3.68 6.26
C ILE A 211 16.52 -2.41 6.95
N LYS A 212 16.34 -2.47 8.27
CA LYS A 212 15.84 -1.29 8.98
C LYS A 212 16.83 -0.15 8.84
N SER A 213 18.13 -0.47 8.97
CA SER A 213 19.18 0.54 8.88
C SER A 213 19.26 1.11 7.46
N LEU A 214 19.22 0.25 6.45
CA LEU A 214 19.26 0.77 5.08
C LEU A 214 18.00 1.54 4.74
N LEU A 215 16.85 1.15 5.27
CA LEU A 215 15.67 1.96 4.98
C LEU A 215 15.84 3.38 5.52
N THR A 216 16.34 3.51 6.72
CA THR A 216 16.66 4.84 7.23
C THR A 216 17.65 5.58 6.33
N LEU A 217 18.74 4.90 5.95
CA LEU A 217 19.73 5.55 5.09
C LEU A 217 19.07 6.01 3.79
N VAL A 218 18.30 5.14 3.18
CA VAL A 218 17.71 5.51 1.90
C VAL A 218 16.71 6.63 2.07
N ALA A 219 15.90 6.56 3.12
CA ALA A 219 14.89 7.59 3.33
C ALA A 219 15.55 8.92 3.62
N GLU A 220 16.58 8.92 4.47
CA GLU A 220 17.30 10.16 4.76
C GLU A 220 18.01 10.68 3.53
N THR A 221 18.54 9.76 2.70
CA THR A 221 19.24 10.19 1.51
C THR A 221 18.27 10.86 0.56
N TYR A 222 17.08 10.28 0.42
CA TYR A 222 16.08 10.86 -0.47
C TYR A 222 15.69 12.25 0.01
N ARG A 223 15.31 12.38 1.29
CA ARG A 223 14.97 13.68 1.85
C ARG A 223 16.10 14.67 1.65
N GLN A 224 17.33 14.28 1.99
CA GLN A 224 18.46 15.18 1.84
C GLN A 224 18.68 15.54 0.38
N ALA A 225 18.67 14.53 -0.50
CA ALA A 225 18.82 14.79 -1.93
C ALA A 225 17.70 15.67 -2.46
N ALA A 226 16.47 15.43 -1.99
CA ALA A 226 15.35 16.25 -2.43
C ALA A 226 15.44 17.65 -1.85
N ALA A 227 16.03 17.80 -0.67
CA ALA A 227 16.22 19.12 -0.08
C ALA A 227 17.44 19.83 -0.67
N GLU A 228 18.51 19.08 -0.94
CA GLU A 228 19.73 19.62 -1.54
C GLU A 228 19.75 19.42 -3.05
N GLN A 229 18.64 19.70 -3.73
CA GLN A 229 18.56 19.57 -5.18
C GLN A 229 19.77 20.21 -5.86
#